data_4LPB
#
_entry.id   4LPB
#
_cell.length_a   73.411
_cell.length_b   94.706
_cell.length_c   61.180
_cell.angle_alpha   90.000
_cell.angle_beta   90.000
_cell.angle_gamma   90.000
#
_symmetry.space_group_name_H-M   'C 2 2 21'
#
loop_
_entity.id
_entity.type
_entity.pdbx_description
1 polymer 'Topoisomerase IV subunit B'
2 non-polymer "1-ethyl-3-{5'-(5-oxo-4,5-dihydro-1,3,4-oxadiazol-2-yl)-4-[4-(trifluoromethyl)-1,3-thiazol-2-yl]-3,3'-bipyridin-6-yl}urea"
3 water water
#
_entity_poly.entity_id   1
_entity_poly.type   'polypeptide(L)'
_entity_poly.pdbx_seq_one_letter_code
;MSKKEININNYNDDAIQVLEGLDAVRKRPGMYIGSTDGAGLHHLVWEIVDNAVDEALSGFGDRIDVTINKDGSLTVQDHG
RGMPTGMHAMGIPTVEVIFTILHAGGKFGQGGYKTSGGLHGVGSSVVNALSSWLEVEITRDGAVYKQRFENGGKPVTTLK
KIGTALKSKTGTKVTFMPDATIFSTTDFKYNTISERLNESAFLLKNVTLSLTDKRTDEAIEFHYEN
;
_entity_poly.pdbx_strand_id   A
#
# COMPACT_ATOMS: atom_id res chain seq x y z
N GLN A 17 -18.16 15.86 8.59
CA GLN A 17 -17.20 14.72 8.51
C GLN A 17 -16.84 14.23 9.92
N VAL A 18 -17.28 13.02 10.25
CA VAL A 18 -16.92 12.40 11.53
C VAL A 18 -15.76 11.44 11.31
N LEU A 19 -14.62 11.73 11.95
CA LEU A 19 -13.45 10.88 11.82
C LEU A 19 -13.57 9.69 12.78
N GLU A 20 -12.97 8.57 12.40
CA GLU A 20 -13.02 7.36 13.22
C GLU A 20 -11.66 6.70 13.30
N GLY A 21 -11.49 5.87 14.32
CA GLY A 21 -10.31 5.03 14.47
C GLY A 21 -10.44 3.76 13.66
N LEU A 22 -9.37 2.98 13.63
CA LEU A 22 -9.32 1.78 12.80
C LEU A 22 -10.23 0.65 13.31
N ASP A 23 -10.63 0.72 14.58
CA ASP A 23 -11.60 -0.24 15.14
C ASP A 23 -12.91 -0.27 14.36
N ALA A 24 -13.34 0.87 13.83
CA ALA A 24 -14.55 0.97 13.03
C ALA A 24 -14.50 0.09 11.78
N VAL A 25 -13.33 0.02 11.14
CA VAL A 25 -13.15 -0.82 9.97
C VAL A 25 -13.14 -2.30 10.36
N ARG A 26 -12.46 -2.61 11.46
CA ARG A 26 -12.33 -4.01 11.91
C ARG A 26 -13.67 -4.61 12.35
N LYS A 27 -14.55 -3.77 12.90
CA LYS A 27 -15.86 -4.24 13.34
C LYS A 27 -16.89 -4.32 12.19
N ARG A 28 -16.63 -3.64 11.08
CA ARG A 28 -17.50 -3.72 9.90
C ARG A 28 -16.67 -3.67 8.61
N PRO A 29 -15.86 -4.72 8.36
CA PRO A 29 -14.97 -4.70 7.19
C PRO A 29 -15.73 -4.60 5.86
N GLY A 30 -16.83 -5.32 5.74
CA GLY A 30 -17.64 -5.33 4.53
C GLY A 30 -18.09 -3.97 4.05
N MET A 31 -18.28 -3.04 4.98
CA MET A 31 -18.64 -1.66 4.67
C MET A 31 -17.54 -0.93 3.88
N TYR A 32 -16.29 -1.36 4.07
CA TYR A 32 -15.14 -0.69 3.46
C TYR A 32 -14.51 -1.46 2.31
N ILE A 33 -14.55 -2.80 2.36
CA ILE A 33 -13.97 -3.63 1.31
C ILE A 33 -14.95 -4.62 0.67
N GLY A 34 -16.24 -4.50 0.99
CA GLY A 34 -17.29 -5.30 0.35
C GLY A 34 -17.54 -6.66 0.96
N SER A 35 -16.47 -7.35 1.32
CA SER A 35 -16.56 -8.72 1.86
C SER A 35 -15.26 -9.09 2.56
N THR A 36 -15.26 -10.24 3.23
CA THR A 36 -14.06 -10.74 3.89
C THR A 36 -13.55 -12.04 3.23
N ASP A 37 -14.00 -12.29 2.01
CA ASP A 37 -13.53 -13.43 1.22
C ASP A 37 -12.39 -12.95 0.30
N GLY A 38 -12.07 -13.74 -0.72
CA GLY A 38 -10.99 -13.41 -1.65
C GLY A 38 -11.16 -12.08 -2.38
N ALA A 39 -12.40 -11.71 -2.68
CA ALA A 39 -12.68 -10.41 -3.29
C ALA A 39 -12.22 -9.29 -2.35
N GLY A 40 -12.58 -9.40 -1.08
CA GLY A 40 -12.18 -8.43 -0.06
C GLY A 40 -10.68 -8.39 0.16
N LEU A 41 -10.06 -9.57 0.23
CA LEU A 41 -8.61 -9.66 0.37
C LEU A 41 -7.91 -8.88 -0.73
N HIS A 42 -8.37 -9.07 -1.95
CA HIS A 42 -7.74 -8.42 -3.10
C HIS A 42 -8.06 -6.93 -3.20
N HIS A 43 -9.19 -6.51 -2.63
N HIS A 43 -9.18 -6.50 -2.62
CA HIS A 43 -9.50 -5.08 -2.50
CA HIS A 43 -9.50 -5.08 -2.52
C HIS A 43 -8.41 -4.32 -1.75
C HIS A 43 -8.41 -4.32 -1.75
N LEU A 44 -7.76 -4.99 -0.80
CA LEU A 44 -6.62 -4.40 -0.08
C LEU A 44 -5.49 -4.07 -1.04
N VAL A 45 -5.21 -5.00 -1.95
CA VAL A 45 -4.19 -4.78 -2.97
C VAL A 45 -4.57 -3.60 -3.85
N TRP A 46 -5.84 -3.56 -4.28
CA TRP A 46 -6.31 -2.50 -5.17
C TRP A 46 -6.17 -1.12 -4.52
N GLU A 47 -6.44 -1.02 -3.22
CA GLU A 47 -6.36 0.28 -2.54
C GLU A 47 -4.94 0.84 -2.54
N ILE A 48 -3.95 -0.01 -2.24
CA ILE A 48 -2.56 0.43 -2.18
C ILE A 48 -2.03 0.69 -3.60
N VAL A 49 -2.35 -0.20 -4.53
CA VAL A 49 -1.98 0.01 -5.94
C VAL A 49 -2.57 1.33 -6.48
N ASP A 50 -3.83 1.62 -6.14
N ASP A 50 -3.83 1.61 -6.12
CA ASP A 50 -4.48 2.83 -6.63
CA ASP A 50 -4.49 2.83 -6.59
C ASP A 50 -3.77 4.11 -6.13
C ASP A 50 -3.75 4.09 -6.15
N ASN A 51 -3.21 4.07 -4.93
CA ASN A 51 -2.42 5.19 -4.41
C ASN A 51 -1.16 5.42 -5.27
N ALA A 52 -0.49 4.32 -5.65
CA ALA A 52 0.67 4.41 -6.54
C ALA A 52 0.27 4.88 -7.94
N VAL A 53 -0.86 4.37 -8.43
CA VAL A 53 -1.39 4.77 -9.74
C VAL A 53 -1.77 6.25 -9.77
N ASP A 54 -2.42 6.73 -8.72
CA ASP A 54 -2.79 8.15 -8.61
C ASP A 54 -1.55 9.04 -8.68
N GLU A 55 -0.48 8.62 -8.02
CA GLU A 55 0.77 9.35 -8.03
C GLU A 55 1.38 9.37 -9.43
N ALA A 56 1.38 8.23 -10.11
CA ALA A 56 1.90 8.13 -11.48
C ALA A 56 1.04 8.93 -12.47
N LEU A 57 -0.28 8.93 -12.26
CA LEU A 57 -1.19 9.70 -13.10
C LEU A 57 -0.89 11.19 -13.00
N SER A 58 -0.50 11.64 -11.81
CA SER A 58 -0.09 13.04 -11.59
C SER A 58 1.30 13.35 -12.16
N GLY A 59 1.97 12.34 -12.70
CA GLY A 59 3.25 12.51 -13.39
C GLY A 59 4.49 12.18 -12.59
N PHE A 60 4.30 11.50 -11.45
CA PHE A 60 5.41 11.16 -10.56
C PHE A 60 5.61 9.65 -10.52
N GLY A 61 6.68 9.19 -11.16
CA GLY A 61 7.01 7.78 -11.20
C GLY A 61 6.52 7.10 -12.46
N ASP A 62 7.34 6.23 -13.04
CA ASP A 62 6.97 5.52 -14.26
C ASP A 62 7.06 4.00 -14.10
N ARG A 63 7.16 3.53 -12.86
CA ARG A 63 7.01 2.09 -12.62
C ARG A 63 6.44 1.81 -11.23
N ILE A 64 5.59 0.80 -11.18
CA ILE A 64 4.96 0.37 -9.94
C ILE A 64 5.17 -1.13 -9.85
N ASP A 65 5.88 -1.56 -8.81
CA ASP A 65 6.25 -2.96 -8.63
C ASP A 65 5.46 -3.59 -7.51
N VAL A 66 4.80 -4.70 -7.81
CA VAL A 66 4.04 -5.45 -6.81
C VAL A 66 4.72 -6.80 -6.61
N THR A 67 4.90 -7.19 -5.35
CA THR A 67 5.52 -8.45 -5.02
C THR A 67 4.68 -9.21 -4.01
N ILE A 68 4.36 -10.46 -4.34
CA ILE A 68 3.72 -11.36 -3.40
C ILE A 68 4.84 -12.11 -2.70
N ASN A 69 5.02 -11.85 -1.42
CA ASN A 69 6.17 -12.37 -0.68
C ASN A 69 5.91 -13.79 -0.17
N LYS A 70 6.99 -14.50 0.15
CA LYS A 70 6.90 -15.89 0.59
C LYS A 70 6.12 -16.06 1.90
N ASP A 71 6.19 -15.06 2.77
CA ASP A 71 5.50 -15.12 4.07
C ASP A 71 4.00 -14.82 3.99
N GLY A 72 3.50 -14.49 2.81
CA GLY A 72 2.08 -14.20 2.61
C GLY A 72 1.77 -12.71 2.54
N SER A 73 2.76 -11.88 2.83
CA SER A 73 2.58 -10.43 2.76
C SER A 73 2.66 -9.98 1.30
N LEU A 74 2.29 -8.72 1.06
CA LEU A 74 2.34 -8.15 -0.28
C LEU A 74 2.97 -6.77 -0.22
N THR A 75 3.83 -6.48 -1.19
CA THR A 75 4.50 -5.18 -1.28
C THR A 75 4.08 -4.46 -2.56
N VAL A 76 3.85 -3.16 -2.45
CA VAL A 76 3.66 -2.28 -3.59
C VAL A 76 4.70 -1.18 -3.46
N GLN A 77 5.49 -0.97 -4.51
CA GLN A 77 6.50 0.09 -4.50
C GLN A 77 6.33 1.02 -5.70
N ASP A 78 6.33 2.32 -5.45
CA ASP A 78 6.33 3.30 -6.52
C ASP A 78 7.59 4.17 -6.42
N HIS A 79 7.77 4.98 -7.44
CA HIS A 79 8.92 5.87 -7.53
C HIS A 79 8.42 7.30 -7.72
N GLY A 80 7.32 7.60 -7.04
CA GLY A 80 6.73 8.93 -7.00
C GLY A 80 7.45 9.83 -6.02
N ARG A 81 6.77 10.88 -5.56
CA ARG A 81 7.39 11.89 -4.69
C ARG A 81 7.75 11.36 -3.30
N GLY A 82 7.12 10.27 -2.89
CA GLY A 82 7.18 9.80 -1.52
C GLY A 82 6.09 10.50 -0.73
N MET A 83 5.42 9.77 0.15
CA MET A 83 4.45 10.39 1.05
C MET A 83 5.13 11.48 1.85
N PRO A 84 4.38 12.54 2.23
CA PRO A 84 4.98 13.58 3.07
C PRO A 84 5.61 13.02 4.34
N THR A 85 6.81 13.47 4.66
CA THR A 85 7.57 12.96 5.79
C THR A 85 7.49 13.88 7.01
N GLY A 86 6.76 14.98 6.89
CA GLY A 86 6.65 15.98 7.95
C GLY A 86 5.70 15.59 9.06
N MET A 87 5.41 16.56 9.91
CA MET A 87 4.62 16.37 11.13
C MET A 87 3.23 16.97 11.00
N HIS A 88 2.25 16.32 11.64
N HIS A 88 2.26 16.31 11.62
CA HIS A 88 0.91 16.84 11.83
CA HIS A 88 0.92 16.86 11.83
C HIS A 88 0.90 17.51 13.22
C HIS A 88 0.91 17.46 13.24
N ALA A 89 -0.26 17.60 13.86
CA ALA A 89 -0.35 18.10 15.23
C ALA A 89 0.34 17.17 16.22
N MET A 90 0.81 17.74 17.33
CA MET A 90 1.38 16.99 18.46
C MET A 90 2.61 16.12 18.10
N GLY A 91 3.31 16.50 17.04
CA GLY A 91 4.48 15.74 16.59
C GLY A 91 4.16 14.39 15.96
N ILE A 92 2.91 14.19 15.57
CA ILE A 92 2.49 12.95 14.92
C ILE A 92 2.82 13.05 13.43
N PRO A 93 3.58 12.08 12.90
CA PRO A 93 3.89 12.16 11.47
C PRO A 93 2.64 12.17 10.59
N THR A 94 2.69 12.93 9.50
CA THR A 94 1.62 12.93 8.50
C THR A 94 1.28 11.51 8.03
N VAL A 95 2.31 10.69 7.83
N VAL A 95 2.31 10.70 7.82
CA VAL A 95 2.09 9.30 7.40
CA VAL A 95 2.16 9.30 7.43
C VAL A 95 1.29 8.50 8.42
C VAL A 95 1.28 8.53 8.42
N GLU A 96 1.51 8.75 9.71
CA GLU A 96 0.75 8.08 10.76
C GLU A 96 -0.73 8.48 10.69
N VAL A 97 -0.99 9.76 10.44
CA VAL A 97 -2.37 10.24 10.31
C VAL A 97 -3.07 9.58 9.12
N ILE A 98 -2.37 9.49 8.00
CA ILE A 98 -2.90 8.86 6.79
C ILE A 98 -3.26 7.39 7.03
N PHE A 99 -2.43 6.70 7.82
CA PHE A 99 -2.60 5.26 8.03
C PHE A 99 -3.44 4.86 9.26
N THR A 100 -3.80 5.83 10.11
CA THR A 100 -4.50 5.50 11.37
C THR A 100 -5.83 6.23 11.61
N ILE A 101 -6.19 7.18 10.76
CA ILE A 101 -7.46 7.88 10.88
C ILE A 101 -8.35 7.58 9.68
N LEU A 102 -9.56 7.12 9.96
CA LEU A 102 -10.56 6.83 8.94
C LEU A 102 -11.36 8.10 8.69
N HIS A 103 -11.33 8.59 7.45
CA HIS A 103 -12.02 9.83 7.08
C HIS A 103 -13.40 9.55 6.45
N ALA A 104 -14.10 8.54 6.99
CA ALA A 104 -15.41 8.15 6.47
C ALA A 104 -16.48 9.17 6.82
N VAL A 122 -8.92 7.13 1.66
CA VAL A 122 -9.19 6.34 2.87
C VAL A 122 -8.60 4.94 2.77
N GLY A 123 -8.05 4.61 1.60
CA GLY A 123 -7.53 3.26 1.34
C GLY A 123 -6.45 2.82 2.31
N SER A 124 -5.48 3.70 2.57
CA SER A 124 -4.32 3.34 3.39
C SER A 124 -4.73 2.90 4.79
N SER A 125 -5.61 3.67 5.42
CA SER A 125 -6.05 3.36 6.79
C SER A 125 -6.86 2.06 6.85
N VAL A 126 -7.70 1.83 5.84
CA VAL A 126 -8.50 0.61 5.76
C VAL A 126 -7.61 -0.63 5.64
N VAL A 127 -6.60 -0.55 4.80
CA VAL A 127 -5.66 -1.67 4.63
C VAL A 127 -4.91 -1.92 5.93
N ASN A 128 -4.44 -0.84 6.57
CA ASN A 128 -3.73 -0.94 7.84
C ASN A 128 -4.60 -1.57 8.92
N ALA A 129 -5.87 -1.15 8.99
CA ALA A 129 -6.83 -1.68 9.95
C ALA A 129 -7.03 -3.19 9.83
N LEU A 130 -6.97 -3.69 8.60
CA LEU A 130 -7.26 -5.10 8.32
C LEU A 130 -5.98 -5.93 8.10
N SER A 131 -4.84 -5.39 8.54
CA SER A 131 -3.56 -6.08 8.46
C SER A 131 -3.02 -6.41 9.84
N SER A 132 -2.44 -7.61 9.99
CA SER A 132 -1.75 -7.97 11.24
C SER A 132 -0.43 -7.21 11.40
N TRP A 133 0.16 -6.81 10.27
CA TRP A 133 1.21 -5.80 10.29
C TRP A 133 1.31 -5.06 8.95
N LEU A 134 1.87 -3.86 9.01
CA LEU A 134 2.06 -3.02 7.84
C LEU A 134 3.31 -2.16 8.03
N GLU A 135 4.12 -2.08 6.99
CA GLU A 135 5.31 -1.22 6.98
C GLU A 135 5.21 -0.25 5.81
N VAL A 136 5.50 1.02 6.06
CA VAL A 136 5.61 2.01 5.00
C VAL A 136 7.03 2.57 5.00
N GLU A 137 7.66 2.54 3.83
CA GLU A 137 9.00 3.07 3.65
C GLU A 137 8.93 4.21 2.64
N ILE A 138 9.45 5.37 3.02
CA ILE A 138 9.42 6.56 2.16
C ILE A 138 10.85 6.99 1.89
N THR A 139 11.14 7.25 0.62
CA THR A 139 12.45 7.75 0.20
C THR A 139 12.26 9.11 -0.44
N ARG A 140 12.97 10.10 0.08
CA ARG A 140 13.01 11.44 -0.51
C ARG A 140 14.02 12.33 0.21
N ASP A 141 14.50 13.35 -0.49
CA ASP A 141 15.41 14.35 0.07
C ASP A 141 16.71 13.74 0.61
N GLY A 142 17.12 12.62 0.03
CA GLY A 142 18.35 11.93 0.43
C GLY A 142 18.23 11.03 1.64
N ALA A 143 17.00 10.80 2.09
CA ALA A 143 16.74 10.01 3.29
C ALA A 143 15.72 8.90 3.02
N VAL A 144 15.83 7.83 3.79
CA VAL A 144 14.87 6.73 3.75
C VAL A 144 14.25 6.65 5.14
N TYR A 145 12.92 6.69 5.19
CA TYR A 145 12.18 6.67 6.45
C TYR A 145 11.30 5.44 6.50
N LYS A 146 11.00 4.96 7.70
CA LYS A 146 10.16 3.79 7.86
C LYS A 146 9.28 3.90 9.10
N GLN A 147 8.02 3.49 8.96
CA GLN A 147 7.12 3.34 10.10
C GLN A 147 6.45 1.97 10.03
N ARG A 148 6.30 1.34 11.18
CA ARG A 148 5.70 0.00 11.25
C ARG A 148 4.47 0.03 12.16
N PHE A 149 3.43 -0.66 11.71
CA PHE A 149 2.20 -0.81 12.46
C PHE A 149 1.94 -2.30 12.68
N GLU A 150 1.27 -2.64 13.78
CA GLU A 150 0.92 -4.04 14.06
C GLU A 150 -0.50 -4.16 14.61
N ASN A 151 -1.07 -5.35 14.48
CA ASN A 151 -2.31 -5.70 15.14
C ASN A 151 -3.45 -4.74 14.81
N GLY A 152 -3.72 -4.59 13.52
CA GLY A 152 -4.80 -3.73 13.05
C GLY A 152 -4.47 -2.25 13.09
N GLY A 153 -3.20 -1.93 12.83
CA GLY A 153 -2.78 -0.56 12.56
C GLY A 153 -2.34 0.28 13.74
N LYS A 154 -1.92 -0.39 14.81
CA LYS A 154 -1.34 0.29 15.96
C LYS A 154 0.14 0.53 15.67
N PRO A 155 0.59 1.80 15.72
CA PRO A 155 1.99 2.07 15.44
C PRO A 155 2.91 1.54 16.53
N VAL A 156 3.94 0.79 16.13
CA VAL A 156 4.93 0.27 17.07
C VAL A 156 6.27 1.03 16.94
N THR A 157 6.35 1.90 15.93
CA THR A 157 7.45 2.84 15.80
C THR A 157 6.87 4.17 15.33
N THR A 158 7.64 5.24 15.48
CA THR A 158 7.30 6.50 14.81
C THR A 158 7.85 6.41 13.39
N LEU A 159 7.72 7.48 12.61
CA LEU A 159 8.37 7.54 11.31
C LEU A 159 9.84 7.87 11.56
N LYS A 160 10.72 6.89 11.38
CA LYS A 160 12.12 7.08 11.68
C LYS A 160 13.00 6.98 10.44
N LYS A 161 14.04 7.81 10.41
CA LYS A 161 15.04 7.74 9.35
C LYS A 161 15.87 6.47 9.56
N ILE A 162 15.86 5.59 8.56
CA ILE A 162 16.60 4.32 8.63
C ILE A 162 17.86 4.30 7.76
N GLY A 163 17.92 5.17 6.75
CA GLY A 163 19.08 5.23 5.89
C GLY A 163 19.13 6.46 5.00
N THR A 164 20.01 6.42 4.00
CA THR A 164 20.15 7.50 3.05
C THR A 164 20.08 6.96 1.62
N ALA A 165 19.86 7.88 0.68
CA ALA A 165 19.79 7.55 -0.74
C ALA A 165 20.24 8.76 -1.52
N LEU A 166 20.48 8.58 -2.82
CA LEU A 166 20.77 9.71 -3.68
C LEU A 166 19.59 10.67 -3.64
N LYS A 167 19.86 11.96 -3.80
CA LYS A 167 18.80 12.98 -3.78
C LYS A 167 17.76 12.77 -4.88
N SER A 168 18.18 12.15 -5.98
CA SER A 168 17.29 11.85 -7.10
C SER A 168 16.28 10.73 -6.82
N LYS A 169 16.54 9.92 -5.79
CA LYS A 169 15.69 8.77 -5.49
C LYS A 169 14.48 9.19 -4.66
N THR A 170 13.29 8.87 -5.16
CA THR A 170 12.06 9.17 -4.45
C THR A 170 11.06 8.02 -4.59
N GLY A 171 10.15 7.89 -3.62
CA GLY A 171 9.07 6.91 -3.74
C GLY A 171 8.52 6.42 -2.43
N THR A 172 7.48 5.60 -2.53
CA THR A 172 6.80 5.01 -1.38
C THR A 172 6.72 3.50 -1.58
N LYS A 173 6.98 2.75 -0.52
CA LYS A 173 6.85 1.30 -0.53
C LYS A 173 5.99 0.91 0.67
N VAL A 174 4.93 0.14 0.40
CA VAL A 174 4.03 -0.33 1.45
C VAL A 174 4.01 -1.85 1.39
N THR A 175 4.24 -2.48 2.54
CA THR A 175 4.15 -3.93 2.67
C THR A 175 3.18 -4.24 3.79
N PHE A 176 2.25 -5.14 3.54
CA PHE A 176 1.25 -5.48 4.56
C PHE A 176 0.92 -6.97 4.58
N MET A 177 0.59 -7.45 5.76
CA MET A 177 0.18 -8.84 5.98
C MET A 177 -1.30 -8.81 6.31
N PRO A 178 -2.16 -9.33 5.42
CA PRO A 178 -3.59 -9.33 5.73
C PRO A 178 -3.90 -10.15 6.99
N ASP A 179 -4.86 -9.67 7.78
CA ASP A 179 -5.18 -10.28 9.07
C ASP A 179 -5.98 -11.57 8.89
N ALA A 180 -5.37 -12.69 9.26
CA ALA A 180 -6.01 -14.01 9.11
C ALA A 180 -7.23 -14.21 10.01
N THR A 181 -7.38 -13.38 11.05
CA THR A 181 -8.57 -13.44 11.90
C THR A 181 -9.79 -12.79 11.23
N ILE A 182 -9.55 -11.96 10.21
CA ILE A 182 -10.62 -11.26 9.49
C ILE A 182 -11.02 -11.97 8.20
N PHE A 183 -10.03 -12.29 7.38
CA PHE A 183 -10.30 -12.87 6.05
C PHE A 183 -10.40 -14.40 6.09
N SER A 184 -11.35 -14.93 5.33
CA SER A 184 -11.54 -16.39 5.21
C SER A 184 -10.44 -17.04 4.37
N THR A 185 -9.81 -16.24 3.51
CA THR A 185 -8.61 -16.64 2.78
C THR A 185 -7.60 -15.51 2.81
N THR A 186 -6.33 -15.87 3.00
CA THR A 186 -5.23 -14.89 2.98
C THR A 186 -4.26 -15.18 1.83
N ASP A 187 -4.67 -16.01 0.88
CA ASP A 187 -3.84 -16.37 -0.26
C ASP A 187 -4.10 -15.43 -1.43
N PHE A 188 -3.15 -14.55 -1.70
CA PHE A 188 -3.23 -13.69 -2.87
C PHE A 188 -3.15 -14.56 -4.12
N LYS A 189 -3.92 -14.19 -5.15
CA LYS A 189 -4.00 -14.96 -6.38
C LYS A 189 -3.25 -14.22 -7.48
N TYR A 190 -2.17 -14.82 -7.95
CA TYR A 190 -1.30 -14.22 -8.96
C TYR A 190 -2.08 -13.78 -10.20
N ASN A 191 -2.93 -14.67 -10.71
CA ASN A 191 -3.69 -14.39 -11.93
C ASN A 191 -4.65 -13.21 -11.75
N THR A 192 -5.30 -13.15 -10.59
CA THR A 192 -6.21 -12.06 -10.28
C THR A 192 -5.49 -10.71 -10.26
N ILE A 193 -4.33 -10.67 -9.62
CA ILE A 193 -3.55 -9.44 -9.53
C ILE A 193 -2.94 -9.09 -10.89
N SER A 194 -2.42 -10.09 -11.59
CA SER A 194 -1.86 -9.89 -12.93
C SER A 194 -2.87 -9.20 -13.86
N GLU A 195 -4.09 -9.73 -13.90
CA GLU A 195 -5.14 -9.15 -14.73
C GLU A 195 -5.45 -7.68 -14.39
N ARG A 196 -5.55 -7.38 -13.10
N ARG A 196 -5.53 -7.38 -13.09
CA ARG A 196 -5.83 -6.03 -12.63
CA ARG A 196 -5.84 -6.02 -12.64
C ARG A 196 -4.71 -5.05 -13.01
C ARG A 196 -4.71 -5.04 -12.96
N LEU A 197 -3.47 -5.47 -12.80
CA LEU A 197 -2.31 -4.63 -13.12
C LEU A 197 -2.17 -4.40 -14.63
N ASN A 198 -2.50 -5.42 -15.42
CA ASN A 198 -2.54 -5.30 -16.88
C ASN A 198 -3.52 -4.19 -17.27
N GLU A 199 -4.72 -4.26 -16.70
CA GLU A 199 -5.76 -3.27 -16.95
C GLU A 199 -5.35 -1.87 -16.51
N SER A 200 -4.73 -1.79 -15.33
CA SER A 200 -4.23 -0.52 -14.80
C SER A 200 -3.14 0.08 -15.69
N ALA A 201 -2.23 -0.77 -16.17
CA ALA A 201 -1.19 -0.33 -17.09
C ALA A 201 -1.79 0.24 -18.39
N PHE A 202 -2.83 -0.42 -18.88
CA PHE A 202 -3.51 0.02 -20.09
C PHE A 202 -4.20 1.39 -19.91
N LEU A 203 -4.79 1.61 -18.74
CA LEU A 203 -5.46 2.88 -18.45
C LEU A 203 -4.47 4.03 -18.20
N LEU A 204 -3.35 3.73 -17.54
CA LEU A 204 -2.33 4.74 -17.23
C LEU A 204 -1.56 5.23 -18.46
N LYS A 205 -1.04 4.28 -19.23
CA LYS A 205 -0.11 4.53 -20.34
C LYS A 205 1.27 4.97 -19.84
N ASN A 206 2.32 4.48 -20.50
CA ASN A 206 3.70 4.90 -20.25
C ASN A 206 4.18 4.70 -18.82
N VAL A 207 3.62 3.69 -18.15
CA VAL A 207 4.03 3.32 -16.80
C VAL A 207 4.13 1.80 -16.75
N THR A 208 5.27 1.29 -16.28
CA THR A 208 5.46 -0.14 -16.17
C THR A 208 4.85 -0.65 -14.86
N LEU A 209 3.97 -1.64 -14.96
CA LEU A 209 3.44 -2.33 -13.78
C LEU A 209 4.04 -3.72 -13.77
N SER A 210 4.63 -4.12 -12.65
CA SER A 210 5.24 -5.45 -12.56
C SER A 210 4.63 -6.24 -11.42
N LEU A 211 4.61 -7.56 -11.60
CA LEU A 211 4.17 -8.47 -10.56
C LEU A 211 5.21 -9.58 -10.45
N THR A 212 5.63 -9.86 -9.22
CA THR A 212 6.54 -10.96 -8.95
C THR A 212 5.97 -11.78 -7.80
N ASP A 213 5.91 -13.10 -7.98
CA ASP A 213 5.41 -14.01 -6.96
C ASP A 213 6.58 -14.79 -6.39
N LYS A 214 6.99 -14.47 -5.15
CA LYS A 214 8.12 -15.16 -4.53
C LYS A 214 7.78 -16.57 -4.08
N ARG A 215 6.49 -16.92 -4.07
CA ARG A 215 6.04 -18.26 -3.68
C ARG A 215 6.28 -19.26 -4.81
N THR A 216 6.18 -18.80 -6.05
CA THR A 216 6.32 -19.64 -7.24
C THR A 216 7.43 -19.19 -8.20
N ASP A 217 8.02 -18.02 -7.94
CA ASP A 217 8.99 -17.35 -8.83
C ASP A 217 8.39 -16.73 -10.11
N GLU A 218 7.07 -16.84 -10.28
CA GLU A 218 6.41 -16.28 -11.45
C GLU A 218 6.58 -14.76 -11.50
N ALA A 219 6.71 -14.22 -12.70
CA ALA A 219 6.91 -12.79 -12.89
C ALA A 219 6.38 -12.32 -14.23
N ILE A 220 5.88 -11.10 -14.26
CA ILE A 220 5.39 -10.49 -15.48
C ILE A 220 5.46 -8.96 -15.38
N GLU A 221 5.59 -8.29 -16.51
CA GLU A 221 5.55 -6.83 -16.57
C GLU A 221 4.60 -6.38 -17.67
N PHE A 222 3.92 -5.26 -17.41
CA PHE A 222 3.02 -4.65 -18.39
C PHE A 222 3.41 -3.20 -18.61
N HIS A 223 3.38 -2.78 -19.86
CA HIS A 223 3.68 -1.39 -20.24
C HIS A 223 2.99 -1.10 -21.58
N TYR A 224 2.15 -0.08 -21.61
CA TYR A 224 1.48 0.33 -22.84
C TYR A 224 1.90 1.76 -23.21
N GLU A 225 2.62 1.88 -24.32
CA GLU A 225 3.04 3.19 -24.83
C GLU A 225 1.92 3.84 -25.62
N ASN A 226 1.81 5.17 -25.54
CA ASN A 226 0.78 5.91 -26.29
C ASN A 226 1.38 7.00 -27.17
#